data_5GIG
#
_entry.id   5GIG
#
_cell.length_a   44.190
_cell.length_b   56.338
_cell.length_c   83.875
_cell.angle_alpha   90.000
_cell.angle_beta   90.000
_cell.angle_gamma   90.000
#
_symmetry.space_group_name_H-M   'P 21 21 21'
#
loop_
_entity.id
_entity.type
_entity.pdbx_description
1 polymer 'Dopamine N-acetyltransferase'
2 non-polymer 'COENZYME A'
3 non-polymer ~{N}-[2-[3,4-bis(oxidanyl)phenyl]ethyl]ethanamide
4 non-polymer (4S,5S)-1,2-DITHIANE-4,5-DIOL
5 water water
#
_entity_poly.entity_id   1
_entity_poly.type   'polypeptide(L)'
_entity_poly.pdbx_seq_one_letter_code
;GPLGSPYTIELIQPEDGEAVIAMLKTFFFKDDPLNTFLDLGECKELEKYSLKPLPDNCSYKAVNKKGEIIGVFLNGLMRR
PSPDDVPEKAADSCEHPKFKKILSLMDHVEEQFNIFDVYPDEELILDGKILSVDTNYRGLGIAGRLTERAYEYMRENGIN
VYHVLCSSHYSARVMEKLGFHEVFRMQFADYKPQGEVVFKPAAPHVGIQVMAKEV
;
_entity_poly.pdbx_strand_id   A
#
loop_
_chem_comp.id
_chem_comp.type
_chem_comp.name
_chem_comp.formula
7DP non-polymer ~{N}-[2-[3,4-bis(oxidanyl)phenyl]ethyl]ethanamide 'C10 H13 N O3'
COA non-polymer 'COENZYME A' 'C21 H36 N7 O16 P3 S'
D1D non-polymer (4S,5S)-1,2-DITHIANE-4,5-DIOL 'C4 H8 O2 S2'
#
# COMPACT_ATOMS: atom_id res chain seq x y z
N PRO A 6 17.92 -16.46 -6.21
CA PRO A 6 17.22 -17.48 -5.41
C PRO A 6 16.65 -16.89 -4.12
N TYR A 7 15.33 -16.76 -4.04
CA TYR A 7 14.71 -16.18 -2.85
C TYR A 7 13.42 -16.94 -2.51
N THR A 8 12.96 -16.80 -1.27
CA THR A 8 11.72 -17.41 -0.84
C THR A 8 10.67 -16.32 -0.60
N ILE A 9 9.41 -16.71 -0.65
CA ILE A 9 8.33 -15.82 -0.24
C ILE A 9 7.69 -16.46 0.98
N GLU A 10 7.66 -15.73 2.09
CA GLU A 10 7.24 -16.29 3.36
C GLU A 10 6.28 -15.37 4.08
N LEU A 11 5.45 -15.94 4.95
CA LEU A 11 4.55 -15.15 5.78
C LEU A 11 5.37 -14.34 6.78
N ILE A 12 5.04 -13.06 6.92
CA ILE A 12 5.68 -12.24 7.94
C ILE A 12 5.09 -12.58 9.31
N GLN A 13 5.99 -12.90 10.24
CA GLN A 13 5.68 -13.33 11.59
C GLN A 13 5.81 -12.14 12.54
N PRO A 14 5.23 -12.23 13.76
CA PRO A 14 5.31 -11.06 14.65
C PRO A 14 6.76 -10.68 14.97
N GLU A 15 7.62 -11.68 15.13
CA GLU A 15 9.01 -11.44 15.48
C GLU A 15 9.77 -10.75 14.35
N ASP A 16 9.15 -10.64 13.18
CA ASP A 16 9.79 -10.02 12.02
C ASP A 16 9.63 -8.51 11.97
N GLY A 17 8.85 -7.94 12.88
CA GLY A 17 8.52 -6.52 12.83
C GLY A 17 9.71 -5.60 12.69
N GLU A 18 10.72 -5.79 13.54
CA GLU A 18 11.90 -4.94 13.48
C GLU A 18 12.64 -5.06 12.16
N ALA A 19 12.77 -6.28 11.65
CA ALA A 19 13.47 -6.48 10.38
C ALA A 19 12.68 -5.88 9.23
N VAL A 20 11.35 -5.99 9.27
CA VAL A 20 10.52 -5.36 8.25
C VAL A 20 10.71 -3.84 8.28
N ILE A 21 10.65 -3.25 9.46
CA ILE A 21 10.85 -1.81 9.58
C ILE A 21 12.24 -1.36 9.11
N ALA A 22 13.27 -2.13 9.47
CA ALA A 22 14.63 -1.80 9.03
C ALA A 22 14.72 -1.76 7.50
N MET A 23 14.08 -2.73 6.85
CA MET A 23 14.08 -2.78 5.41
C MET A 23 13.30 -1.59 4.83
N LEU A 24 12.12 -1.33 5.36
CA LEU A 24 11.31 -0.22 4.86
C LEU A 24 12.01 1.12 5.06
N LYS A 25 12.69 1.29 6.19
CA LYS A 25 13.41 2.53 6.43
C LYS A 25 14.50 2.77 5.39
N THR A 26 15.10 1.69 4.90
CA THR A 26 16.16 1.78 3.90
C THR A 26 15.58 2.12 2.54
N PHE A 27 14.43 1.53 2.21
CA PHE A 27 13.87 1.65 0.88
C PHE A 27 12.62 2.53 0.87
N PHE A 28 11.45 1.93 1.08
CA PHE A 28 10.16 2.62 1.02
C PHE A 28 10.10 4.01 1.67
N PHE A 29 10.63 4.15 2.89
CA PHE A 29 10.57 5.44 3.59
C PHE A 29 11.31 6.53 2.80
N LYS A 30 12.31 6.10 2.02
CA LYS A 30 13.10 7.01 1.21
C LYS A 30 12.70 7.06 -0.25
N ASP A 31 12.03 6.03 -0.76
CA ASP A 31 11.88 5.94 -2.21
C ASP A 31 10.48 5.69 -2.76
N ASP A 32 9.47 5.59 -1.90
CA ASP A 32 8.12 5.77 -2.42
C ASP A 32 8.05 7.21 -2.93
N PRO A 33 7.44 7.44 -4.10
CA PRO A 33 7.48 8.80 -4.67
C PRO A 33 6.93 9.90 -3.78
N LEU A 34 5.92 9.62 -2.96
CA LEU A 34 5.41 10.64 -2.05
C LEU A 34 6.37 10.89 -0.90
N ASN A 35 6.95 9.82 -0.36
CA ASN A 35 7.90 9.96 0.72
C ASN A 35 9.13 10.72 0.27
N THR A 36 9.62 10.43 -0.92
CA THR A 36 10.79 11.14 -1.42
C THR A 36 10.47 12.59 -1.71
N PHE A 37 9.28 12.85 -2.27
CA PHE A 37 8.91 14.20 -2.58
C PHE A 37 8.91 15.07 -1.33
N LEU A 38 8.37 14.52 -0.24
CA LEU A 38 8.26 15.25 1.02
C LEU A 38 9.54 15.23 1.86
N ASP A 39 10.46 14.33 1.53
CA ASP A 39 11.61 14.05 2.37
C ASP A 39 11.12 13.65 3.77
N LEU A 40 10.49 12.48 3.83
CA LEU A 40 9.75 12.05 5.01
C LEU A 40 10.60 11.99 6.27
N GLY A 41 11.81 11.46 6.15
CA GLY A 41 12.73 11.39 7.27
C GLY A 41 12.32 10.37 8.31
N GLU A 42 12.68 10.62 9.57
CA GLU A 42 12.22 9.76 10.65
C GLU A 42 10.71 9.90 10.76
N CYS A 43 10.02 8.77 10.86
CA CYS A 43 8.57 8.80 10.89
C CYS A 43 8.03 7.59 11.64
N LYS A 44 7.86 7.74 12.95
CA LYS A 44 7.33 6.66 13.76
C LYS A 44 5.89 6.33 13.38
N GLU A 45 5.16 7.33 12.88
CA GLU A 45 3.79 7.11 12.44
C GLU A 45 3.71 6.10 11.28
N LEU A 46 4.65 6.19 10.34
CA LEU A 46 4.68 5.24 9.24
C LEU A 46 5.14 3.85 9.71
N GLU A 47 6.02 3.81 10.70
CA GLU A 47 6.38 2.52 11.31
C GLU A 47 5.14 1.86 11.90
N LYS A 48 4.36 2.64 12.67
CA LYS A 48 3.12 2.17 13.26
C LYS A 48 2.13 1.69 12.19
N TYR A 49 1.98 2.49 11.15
CA TYR A 49 1.11 2.20 10.02
C TYR A 49 1.49 0.88 9.35
N SER A 50 2.79 0.66 9.19
CA SER A 50 3.28 -0.54 8.53
C SER A 50 3.14 -1.80 9.39
N LEU A 51 3.28 -1.64 10.69
CA LEU A 51 3.20 -2.79 11.60
C LEU A 51 1.77 -3.26 11.82
N LYS A 52 0.81 -2.34 11.71
CA LYS A 52 -0.59 -2.64 12.01
C LYS A 52 -1.18 -3.89 11.32
N PRO A 53 -1.00 -4.04 9.99
CA PRO A 53 -1.67 -5.18 9.37
C PRO A 53 -1.00 -6.53 9.63
N LEU A 54 0.20 -6.56 10.18
CA LEU A 54 0.90 -7.83 10.35
C LEU A 54 0.11 -8.96 11.03
N PRO A 55 -0.58 -8.68 12.16
CA PRO A 55 -1.32 -9.76 12.83
C PRO A 55 -2.49 -10.31 12.01
N ASP A 56 -2.86 -9.68 10.90
CA ASP A 56 -3.87 -10.26 10.02
C ASP A 56 -3.33 -11.51 9.32
N ASN A 57 -2.03 -11.76 9.43
CA ASN A 57 -1.44 -13.00 8.91
C ASN A 57 -1.60 -13.18 7.40
N CYS A 58 -1.46 -12.08 6.67
CA CYS A 58 -1.47 -12.12 5.21
C CYS A 58 -0.50 -11.12 4.60
N SER A 59 0.61 -10.87 5.29
CA SER A 59 1.70 -10.05 4.76
C SER A 59 2.89 -10.94 4.44
N TYR A 60 3.60 -10.63 3.36
CA TYR A 60 4.64 -11.50 2.86
C TYR A 60 5.98 -10.81 2.70
N LYS A 61 7.03 -11.58 2.95
CA LYS A 61 8.39 -11.10 2.78
C LYS A 61 9.10 -11.97 1.75
N ALA A 62 9.89 -11.32 0.91
CA ALA A 62 10.82 -12.01 0.03
C ALA A 62 12.16 -12.03 0.72
N VAL A 63 12.80 -13.19 0.77
CA VAL A 63 14.01 -13.36 1.56
C VAL A 63 15.09 -14.00 0.70
N ASN A 64 16.29 -13.40 0.68
CA ASN A 64 17.35 -13.93 -0.17
C ASN A 64 18.04 -15.14 0.46
N LYS A 65 19.05 -15.65 -0.22
CA LYS A 65 19.69 -16.88 0.25
C LYS A 65 20.47 -16.68 1.55
N LYS A 66 20.77 -15.43 1.91
CA LYS A 66 21.45 -15.12 3.15
C LYS A 66 20.47 -14.85 4.30
N GLY A 67 19.18 -14.95 4.01
CA GLY A 67 18.18 -14.74 5.04
C GLY A 67 17.80 -13.29 5.25
N GLU A 68 18.19 -12.41 4.33
CA GLU A 68 17.86 -10.98 4.41
C GLU A 68 16.56 -10.68 3.69
N ILE A 69 15.72 -9.84 4.28
CA ILE A 69 14.49 -9.42 3.62
C ILE A 69 14.84 -8.49 2.46
N ILE A 70 14.40 -8.87 1.26
CA ILE A 70 14.64 -8.09 0.05
C ILE A 70 13.37 -7.53 -0.56
N GLY A 71 12.23 -7.83 0.04
CA GLY A 71 10.98 -7.24 -0.40
C GLY A 71 9.86 -7.58 0.57
N VAL A 72 8.85 -6.72 0.64
CA VAL A 72 7.66 -7.01 1.42
C VAL A 72 6.42 -6.53 0.69
N PHE A 73 5.31 -7.20 0.94
CA PHE A 73 4.00 -6.66 0.60
C PHE A 73 3.16 -6.86 1.85
N LEU A 74 2.88 -5.76 2.53
CA LEU A 74 2.08 -5.80 3.75
C LEU A 74 0.63 -5.60 3.36
N ASN A 75 -0.23 -6.55 3.75
CA ASN A 75 -1.64 -6.53 3.41
C ASN A 75 -2.49 -6.62 4.68
N GLY A 76 -3.68 -6.07 4.63
CA GLY A 76 -4.61 -6.21 5.73
C GLY A 76 -5.99 -6.46 5.19
N LEU A 77 -6.84 -7.11 5.99
CA LEU A 77 -8.23 -7.27 5.60
C LEU A 77 -8.96 -5.95 5.83
N MET A 78 -9.87 -5.65 4.93
CA MET A 78 -10.66 -4.43 5.02
C MET A 78 -12.13 -4.82 4.98
N ARG A 79 -12.93 -4.27 5.90
CA ARG A 79 -14.34 -4.62 5.99
C ARG A 79 -15.26 -3.49 5.54
N ARG A 80 -16.34 -3.86 4.86
CA ARG A 80 -17.39 -2.91 4.47
C ARG A 80 -17.81 -2.10 5.69
N PRO A 81 -17.88 -0.77 5.56
CA PRO A 81 -18.36 0.06 6.67
C PRO A 81 -19.71 -0.43 7.19
N SER A 82 -19.84 -0.48 8.51
CA SER A 82 -21.09 -0.89 9.13
C SER A 82 -22.21 0.08 8.78
N PRO A 83 -23.47 -0.39 8.80
CA PRO A 83 -24.58 0.53 8.53
C PRO A 83 -24.57 1.74 9.45
N ASP A 84 -24.01 1.60 10.66
CA ASP A 84 -23.96 2.69 11.63
C ASP A 84 -22.56 3.25 11.74
N ASP A 85 -21.79 3.18 10.65
CA ASP A 85 -20.40 3.60 10.68
C ASP A 85 -20.26 5.06 11.02
N VAL A 86 -19.24 5.38 11.81
CA VAL A 86 -18.83 6.75 12.08
C VAL A 86 -17.46 6.95 11.43
N PRO A 87 -17.45 7.47 10.19
CA PRO A 87 -16.19 7.58 9.45
C PRO A 87 -15.20 8.56 10.08
N GLU A 88 -13.94 8.19 10.08
CA GLU A 88 -12.88 8.96 10.71
C GLU A 88 -11.77 9.27 9.72
N LYS A 89 -11.13 10.43 9.92
CA LYS A 89 -9.98 10.81 9.12
C LYS A 89 -8.71 10.31 9.81
N ALA A 90 -7.93 9.51 9.09
CA ALA A 90 -6.67 9.00 9.63
C ALA A 90 -5.72 10.14 9.97
N ALA A 91 -5.79 11.21 9.18
CA ALA A 91 -4.88 12.34 9.34
C ALA A 91 -5.06 13.05 10.68
N ASP A 92 -6.26 12.96 11.27
CA ASP A 92 -6.57 13.71 12.47
C ASP A 92 -5.76 13.29 13.71
N SER A 93 -5.32 12.03 13.75
CA SER A 93 -4.54 11.54 14.87
C SER A 93 -3.05 11.44 14.57
N CYS A 94 -2.59 12.15 13.55
CA CYS A 94 -1.18 12.11 13.16
C CYS A 94 -0.45 13.42 13.45
N GLU A 95 0.60 13.35 14.29
CA GLU A 95 1.36 14.53 14.70
C GLU A 95 2.49 14.91 13.74
N HIS A 96 2.94 13.93 12.96
CA HIS A 96 4.04 14.12 12.01
C HIS A 96 3.51 14.91 10.82
N PRO A 97 4.01 16.14 10.62
CA PRO A 97 3.38 17.00 9.60
C PRO A 97 3.47 16.47 8.16
N LYS A 98 4.60 15.85 7.80
CA LYS A 98 4.74 15.33 6.45
C LYS A 98 3.87 14.10 6.24
N PHE A 99 3.92 13.15 7.17
CA PHE A 99 3.05 11.98 7.06
C PHE A 99 1.57 12.36 7.12
N LYS A 100 1.24 13.44 7.83
CA LYS A 100 -0.13 13.93 7.86
C LYS A 100 -0.60 14.29 6.45
N LYS A 101 0.29 14.83 5.62
CA LYS A 101 -0.06 15.17 4.24
C LYS A 101 -0.41 13.91 3.45
N ILE A 102 0.33 12.84 3.69
CA ILE A 102 0.06 11.58 3.00
C ILE A 102 -1.26 10.99 3.49
N LEU A 103 -1.47 10.97 4.80
CA LEU A 103 -2.72 10.47 5.34
C LEU A 103 -3.92 11.30 4.88
N SER A 104 -3.73 12.62 4.79
CA SER A 104 -4.79 13.50 4.29
C SER A 104 -5.15 13.15 2.85
N LEU A 105 -4.14 12.85 2.04
CA LEU A 105 -4.37 12.43 0.67
C LEU A 105 -5.18 11.13 0.65
N MET A 106 -4.81 10.19 1.51
CA MET A 106 -5.56 8.95 1.62
C MET A 106 -7.01 9.19 2.03
N ASP A 107 -7.20 10.05 3.04
CA ASP A 107 -8.55 10.40 3.50
C ASP A 107 -9.35 10.99 2.34
N HIS A 108 -8.72 11.87 1.57
CA HIS A 108 -9.37 12.51 0.43
C HIS A 108 -9.81 11.48 -0.61
N VAL A 109 -8.93 10.53 -0.92
CA VAL A 109 -9.28 9.48 -1.87
C VAL A 109 -10.50 8.71 -1.39
N GLU A 110 -10.50 8.34 -0.12
CA GLU A 110 -11.62 7.60 0.46
C GLU A 110 -12.92 8.41 0.48
N GLU A 111 -12.82 9.73 0.64
CA GLU A 111 -13.99 10.61 0.58
C GLU A 111 -14.57 10.65 -0.82
N GLN A 112 -13.72 10.50 -1.82
CA GLN A 112 -14.15 10.56 -3.21
C GLN A 112 -14.57 9.20 -3.78
N PHE A 113 -14.02 8.14 -3.21
CA PHE A 113 -14.14 6.81 -3.80
C PHE A 113 -14.16 5.74 -2.72
N ASN A 114 -15.23 4.97 -2.68
CA ASN A 114 -15.36 3.86 -1.76
C ASN A 114 -15.32 2.55 -2.53
N ILE A 115 -14.23 1.79 -2.36
CA ILE A 115 -14.07 0.51 -3.04
C ILE A 115 -15.26 -0.44 -2.81
N PHE A 116 -15.91 -0.33 -1.65
CA PHE A 116 -17.06 -1.17 -1.38
C PHE A 116 -18.29 -0.85 -2.23
N ASP A 117 -18.34 0.34 -2.81
CA ASP A 117 -19.39 0.67 -3.76
C ASP A 117 -19.21 -0.10 -5.06
N VAL A 118 -17.96 -0.43 -5.39
CA VAL A 118 -17.66 -1.14 -6.63
C VAL A 118 -18.11 -2.59 -6.54
N TYR A 119 -18.05 -3.14 -5.33
CA TYR A 119 -18.31 -4.56 -5.09
C TYR A 119 -19.37 -4.73 -4.00
N PRO A 120 -20.62 -4.42 -4.33
CA PRO A 120 -21.68 -4.40 -3.31
C PRO A 120 -21.89 -5.71 -2.57
N ASP A 121 -21.52 -6.85 -3.18
CA ASP A 121 -21.74 -8.14 -2.54
C ASP A 121 -20.60 -8.57 -1.62
N GLU A 122 -19.52 -7.80 -1.61
CA GLU A 122 -18.36 -8.19 -0.82
C GLU A 122 -18.37 -7.54 0.56
N GLU A 123 -18.06 -8.33 1.58
CA GLU A 123 -17.97 -7.84 2.96
C GLU A 123 -16.53 -7.60 3.36
N LEU A 124 -15.63 -8.42 2.82
CA LEU A 124 -14.21 -8.36 3.15
C LEU A 124 -13.39 -8.32 1.86
N ILE A 125 -12.45 -7.40 1.82
CA ILE A 125 -11.56 -7.22 0.67
C ILE A 125 -10.13 -7.20 1.20
N LEU A 126 -9.18 -7.72 0.44
CA LEU A 126 -7.78 -7.64 0.84
C LEU A 126 -7.20 -6.31 0.39
N ASP A 127 -6.53 -5.62 1.30
CA ASP A 127 -5.96 -4.30 1.03
C ASP A 127 -4.44 -4.39 1.03
N GLY A 128 -3.82 -4.13 -0.12
CA GLY A 128 -2.38 -4.12 -0.22
C GLY A 128 -1.86 -2.77 0.22
N LYS A 129 -1.18 -2.72 1.35
CA LYS A 129 -0.89 -1.45 2.02
C LYS A 129 0.51 -0.88 1.77
N ILE A 130 1.53 -1.74 1.80
CA ILE A 130 2.91 -1.30 1.66
C ILE A 130 3.66 -2.32 0.82
N LEU A 131 4.12 -1.89 -0.34
CA LEU A 131 4.86 -2.73 -1.27
C LEU A 131 6.24 -2.11 -1.51
N SER A 132 7.30 -2.86 -1.25
CA SER A 132 8.66 -2.34 -1.33
C SER A 132 9.61 -3.46 -1.68
N VAL A 133 10.50 -3.24 -2.65
CA VAL A 133 11.53 -4.20 -3.02
C VAL A 133 12.89 -3.51 -3.00
N ASP A 134 13.88 -4.17 -2.41
CA ASP A 134 15.26 -3.71 -2.39
C ASP A 134 15.71 -3.37 -3.81
N THR A 135 16.31 -2.20 -3.96
CA THR A 135 16.80 -1.70 -5.26
C THR A 135 17.60 -2.72 -6.06
N ASN A 136 18.48 -3.46 -5.37
CA ASN A 136 19.34 -4.40 -6.07
C ASN A 136 18.62 -5.65 -6.57
N TYR A 137 17.36 -5.77 -6.20
CA TYR A 137 16.56 -6.93 -6.58
C TYR A 137 15.33 -6.51 -7.40
N ARG A 138 15.31 -5.27 -7.86
CA ARG A 138 14.20 -4.78 -8.67
C ARG A 138 14.25 -5.28 -10.10
N GLY A 139 13.09 -5.33 -10.73
CA GLY A 139 13.00 -5.74 -12.12
C GLY A 139 13.17 -7.23 -12.31
N LEU A 140 12.99 -8.00 -11.24
CA LEU A 140 13.13 -9.45 -11.29
C LEU A 140 11.79 -10.17 -11.10
N GLY A 141 10.72 -9.41 -10.93
CA GLY A 141 9.40 -10.01 -10.71
C GLY A 141 9.06 -10.28 -9.25
N ILE A 142 9.85 -9.74 -8.33
CA ILE A 142 9.55 -9.98 -6.92
C ILE A 142 8.21 -9.39 -6.50
N ALA A 143 7.90 -8.17 -6.94
CA ALA A 143 6.60 -7.59 -6.61
C ALA A 143 5.47 -8.53 -7.01
N GLY A 144 5.58 -9.12 -8.19
CA GLY A 144 4.58 -10.06 -8.67
C GLY A 144 4.49 -11.31 -7.83
N ARG A 145 5.63 -11.85 -7.43
CA ARG A 145 5.61 -13.06 -6.62
C ARG A 145 5.05 -12.78 -5.22
N LEU A 146 5.34 -11.62 -4.67
CA LEU A 146 4.74 -11.21 -3.39
C LEU A 146 3.23 -11.10 -3.53
N THR A 147 2.79 -10.45 -4.60
CA THR A 147 1.38 -10.22 -4.84
C THR A 147 0.64 -11.55 -4.98
N GLU A 148 1.21 -12.44 -5.77
CA GLU A 148 0.56 -13.68 -6.08
C GLU A 148 0.48 -14.64 -4.89
N ARG A 149 1.40 -14.49 -3.92
CA ARG A 149 1.29 -15.28 -2.69
C ARG A 149 -0.01 -14.94 -1.94
N ALA A 150 -0.46 -13.70 -2.05
CA ALA A 150 -1.73 -13.28 -1.46
C ALA A 150 -2.94 -14.00 -2.05
N TYR A 151 -2.85 -14.40 -3.32
CA TYR A 151 -3.98 -15.07 -3.96
C TYR A 151 -4.27 -16.38 -3.25
N GLU A 152 -3.20 -16.99 -2.73
CA GLU A 152 -3.31 -18.22 -1.97
C GLU A 152 -4.18 -17.97 -0.73
N TYR A 153 -3.87 -16.90 -0.01
CA TYR A 153 -4.62 -16.53 1.18
C TYR A 153 -6.08 -16.22 0.82
N MET A 154 -6.28 -15.50 -0.27
CA MET A 154 -7.62 -15.15 -0.72
C MET A 154 -8.44 -16.40 -1.01
N ARG A 155 -7.83 -17.37 -1.70
CA ARG A 155 -8.48 -18.62 -2.03
C ARG A 155 -8.87 -19.37 -0.77
N GLU A 156 -7.92 -19.45 0.17
CA GLU A 156 -8.13 -20.17 1.42
C GLU A 156 -9.26 -19.54 2.25
N ASN A 157 -9.52 -18.26 2.03
CA ASN A 157 -10.49 -17.53 2.85
C ASN A 157 -11.72 -16.98 2.14
N GLY A 158 -11.92 -17.34 0.87
CA GLY A 158 -13.08 -16.88 0.14
C GLY A 158 -13.12 -15.39 -0.11
N ILE A 159 -11.94 -14.77 -0.20
CA ILE A 159 -11.84 -13.35 -0.52
C ILE A 159 -11.69 -13.23 -2.03
N ASN A 160 -12.52 -12.38 -2.65
CA ASN A 160 -12.52 -12.23 -4.11
C ASN A 160 -11.74 -11.04 -4.63
N VAL A 161 -11.65 -9.98 -3.83
CA VAL A 161 -11.12 -8.72 -4.33
C VAL A 161 -9.84 -8.32 -3.60
N TYR A 162 -8.83 -7.95 -4.38
CA TYR A 162 -7.57 -7.40 -3.89
C TYR A 162 -7.50 -5.95 -4.35
N HIS A 163 -7.42 -5.03 -3.38
CA HIS A 163 -7.43 -3.58 -3.60
C HIS A 163 -6.06 -3.01 -3.24
N VAL A 164 -5.47 -2.25 -4.15
CA VAL A 164 -4.13 -1.67 -3.93
C VAL A 164 -4.10 -0.22 -4.38
N LEU A 165 -3.99 0.70 -3.43
CA LEU A 165 -3.79 2.10 -3.78
C LEU A 165 -2.32 2.31 -4.16
N CYS A 166 -2.09 2.77 -5.39
CA CYS A 166 -0.75 3.03 -5.88
C CYS A 166 -0.41 4.51 -5.86
N SER A 167 0.79 4.84 -5.41
CA SER A 167 1.22 6.22 -5.24
C SER A 167 1.82 6.86 -6.52
N SER A 168 1.90 6.10 -7.60
CA SER A 168 2.44 6.60 -8.85
C SER A 168 1.95 5.73 -9.99
N HIS A 169 1.87 6.32 -11.19
CA HIS A 169 1.58 5.54 -12.37
C HIS A 169 2.63 4.47 -12.60
N TYR A 170 3.87 4.71 -12.15
CA TYR A 170 4.93 3.73 -12.31
C TYR A 170 4.57 2.40 -11.63
N SER A 171 4.06 2.46 -10.41
CA SER A 171 3.71 1.25 -9.69
C SER A 171 2.34 0.71 -10.10
N ALA A 172 1.42 1.59 -10.50
CA ALA A 172 0.15 1.14 -11.05
C ALA A 172 0.39 0.23 -12.26
N ARG A 173 1.38 0.57 -13.07
CA ARG A 173 1.72 -0.23 -14.24
C ARG A 173 2.18 -1.63 -13.86
N VAL A 174 2.93 -1.73 -12.76
CA VAL A 174 3.34 -3.03 -12.25
C VAL A 174 2.09 -3.85 -11.93
N MET A 175 1.13 -3.23 -11.25
CA MET A 175 -0.08 -3.94 -10.89
C MET A 175 -0.89 -4.34 -12.13
N GLU A 176 -0.91 -3.47 -13.14
CA GLU A 176 -1.59 -3.79 -14.40
C GLU A 176 -1.00 -5.04 -15.03
N LYS A 177 0.33 -5.14 -15.00
CA LYS A 177 1.02 -6.32 -15.53
C LYS A 177 0.57 -7.58 -14.79
N LEU A 178 0.27 -7.44 -13.51
CA LEU A 178 -0.14 -8.55 -12.67
C LEU A 178 -1.64 -8.85 -12.77
N GLY A 179 -2.35 -8.12 -13.64
CA GLY A 179 -3.74 -8.40 -13.90
C GLY A 179 -4.73 -7.53 -13.13
N PHE A 180 -4.24 -6.48 -12.48
CA PHE A 180 -5.11 -5.52 -11.82
C PHE A 180 -5.59 -4.50 -12.85
N HIS A 181 -6.72 -3.85 -12.56
CA HIS A 181 -7.21 -2.76 -13.38
C HIS A 181 -7.53 -1.57 -12.51
N GLU A 182 -7.44 -0.39 -13.11
CA GLU A 182 -7.77 0.84 -12.42
C GLU A 182 -9.23 0.85 -12.01
N VAL A 183 -9.49 1.31 -10.78
CA VAL A 183 -10.87 1.58 -10.35
C VAL A 183 -11.10 3.06 -9.96
N PHE A 184 -10.03 3.81 -9.76
CA PHE A 184 -10.12 5.23 -9.44
C PHE A 184 -8.77 5.87 -9.70
N ARG A 185 -8.77 7.12 -10.13
CA ARG A 185 -7.52 7.85 -10.29
C ARG A 185 -7.69 9.31 -9.87
N MET A 186 -6.60 9.93 -9.43
CA MET A 186 -6.59 11.36 -9.17
C MET A 186 -5.22 11.91 -9.43
N GLN A 187 -5.14 12.89 -10.32
CA GLN A 187 -3.87 13.54 -10.63
C GLN A 187 -3.40 14.37 -9.46
N PHE A 188 -2.09 14.37 -9.23
CA PHE A 188 -1.54 15.25 -8.20
C PHE A 188 -1.88 16.71 -8.49
N ALA A 189 -1.93 17.07 -9.78
CA ALA A 189 -2.19 18.44 -10.17
C ALA A 189 -3.62 18.88 -9.83
N ASP A 190 -4.50 17.91 -9.61
CA ASP A 190 -5.90 18.17 -9.29
C ASP A 190 -6.21 18.00 -7.81
N TYR A 191 -5.24 17.57 -7.03
CA TYR A 191 -5.43 17.41 -5.59
C TYR A 191 -5.12 18.72 -4.87
N LYS A 192 -6.17 19.46 -4.55
CA LYS A 192 -6.02 20.80 -3.98
C LYS A 192 -6.97 20.96 -2.80
N PRO A 193 -6.71 20.24 -1.70
CA PRO A 193 -7.64 20.18 -0.57
C PRO A 193 -7.98 21.55 0.02
N GLN A 194 -7.01 22.46 0.06
CA GLN A 194 -7.28 23.82 0.52
C GLN A 194 -7.03 24.84 -0.58
N GLY A 195 -7.29 24.43 -1.82
CA GLY A 195 -7.23 25.34 -2.96
C GLY A 195 -5.90 25.36 -3.70
N GLU A 196 -4.87 24.74 -3.11
CA GLU A 196 -3.54 24.75 -3.71
C GLU A 196 -2.97 23.34 -3.84
N VAL A 197 -2.13 23.14 -4.86
CA VAL A 197 -1.45 21.87 -5.05
C VAL A 197 -0.54 21.56 -3.86
N VAL A 198 -0.56 20.31 -3.40
CA VAL A 198 0.26 19.85 -2.29
C VAL A 198 1.43 19.01 -2.79
N PHE A 199 1.12 18.08 -3.68
CA PHE A 199 2.13 17.17 -4.22
C PHE A 199 2.50 17.54 -5.65
N LYS A 200 3.79 17.75 -5.88
CA LYS A 200 4.31 18.08 -7.21
C LYS A 200 5.54 17.24 -7.56
N PRO A 201 5.39 15.91 -7.58
CA PRO A 201 6.53 15.11 -8.03
C PRO A 201 6.66 15.21 -9.54
N ALA A 202 7.68 14.57 -10.11
CA ALA A 202 7.90 14.63 -11.56
C ALA A 202 6.66 14.20 -12.34
N ALA A 203 6.51 14.79 -13.52
CA ALA A 203 5.36 14.54 -14.38
C ALA A 203 4.98 13.07 -14.63
N PRO A 204 5.98 12.17 -14.83
CA PRO A 204 5.59 10.79 -15.13
C PRO A 204 4.81 10.08 -14.02
N HIS A 205 4.89 10.55 -12.78
CA HIS A 205 4.15 9.91 -11.71
C HIS A 205 2.64 10.09 -11.85
N VAL A 206 2.23 11.26 -12.34
CA VAL A 206 0.85 11.64 -12.64
C VAL A 206 -0.04 11.85 -11.43
N GLY A 207 -0.21 10.79 -10.64
CA GLY A 207 -1.11 10.86 -9.51
C GLY A 207 -1.31 9.48 -8.92
N ILE A 208 -2.33 9.37 -8.06
CA ILE A 208 -2.65 8.09 -7.49
C ILE A 208 -3.58 7.32 -8.42
N GLN A 209 -3.44 6.00 -8.41
CA GLN A 209 -4.41 5.12 -9.05
C GLN A 209 -4.72 4.01 -8.08
N VAL A 210 -6.01 3.81 -7.83
CA VAL A 210 -6.45 2.65 -7.06
C VAL A 210 -6.66 1.51 -8.04
N MET A 211 -6.00 0.39 -7.77
CA MET A 211 -6.03 -0.78 -8.64
C MET A 211 -6.75 -1.91 -7.93
N ALA A 212 -7.46 -2.73 -8.70
CA ALA A 212 -8.14 -3.88 -8.12
C ALA A 212 -8.01 -5.09 -9.02
N LYS A 213 -8.05 -6.25 -8.39
CA LYS A 213 -8.11 -7.51 -9.10
C LYS A 213 -9.17 -8.39 -8.44
N GLU A 214 -9.96 -9.08 -9.25
CA GLU A 214 -10.84 -10.10 -8.71
C GLU A 214 -10.22 -11.45 -9.02
N VAL A 215 -9.99 -12.23 -7.97
CA VAL A 215 -9.27 -13.50 -8.07
C VAL A 215 -10.23 -14.64 -7.81
N1A COA B . 15.33 -1.09 -10.86
C2A COA B . 14.15 -0.45 -10.86
N3A COA B . 13.23 -0.73 -11.81
C4A COA B . 13.51 -1.62 -12.77
C5A COA B . 14.74 -2.31 -12.79
C6A COA B . 15.66 -2.00 -11.78
N6A COA B . 16.96 -2.58 -11.73
N7A COA B . 14.73 -3.12 -13.86
C8A COA B . 13.56 -2.98 -14.49
N9A COA B . 12.79 -2.08 -13.85
C1B COA B . 11.49 -1.58 -14.15
C2B COA B . 10.80 -2.19 -15.27
O2B COA B . 10.04 -1.18 -15.94
C3B COA B . 9.95 -3.19 -14.65
O3B COA B . 8.90 -3.67 -15.48
P3B COA B . 9.04 -4.90 -16.43
O7A COA B . 9.97 -5.91 -15.77
O8A COA B . 7.66 -5.48 -16.60
O9A COA B . 9.61 -4.43 -17.74
C4B COA B . 9.45 -2.48 -13.49
O4B COA B . 10.63 -1.77 -12.98
C5B COA B . 8.87 -3.31 -12.41
O5B COA B . 9.67 -4.40 -12.04
P1A COA B . 9.04 -5.61 -11.23
O1A COA B . 10.09 -6.69 -11.20
O2A COA B . 7.72 -5.99 -11.81
O3A COA B . 8.75 -5.07 -9.76
P2A COA B . 9.77 -4.95 -8.56
O4A COA B . 9.94 -6.30 -7.89
O5A COA B . 11.04 -4.32 -9.04
O6A COA B . 9.04 -3.99 -7.54
CBP COA B . 8.26 -1.81 -6.83
CCP COA B . 8.34 -2.85 -7.96
CDP COA B . 7.84 -2.52 -5.56
CEP COA B . 7.23 -0.78 -7.23
CAP COA B . 9.62 -1.17 -6.66
OAP COA B . 9.93 -0.38 -7.76
C9P COA B . 9.73 -0.30 -5.43
O9P COA B . 9.98 -0.75 -4.32
N8P COA B . 9.50 1.10 -5.66
C7P COA B . 9.59 2.09 -4.60
C6P COA B . 8.47 2.03 -3.58
C5P COA B . 7.13 2.08 -4.28
O5P COA B . 6.85 2.92 -5.12
N4P COA B . 6.18 1.07 -3.88
C3P COA B . 4.86 0.98 -4.50
C2P COA B . 3.90 1.91 -3.84
S1P COA B . 2.29 1.65 -4.57
C10 7DP C . 1.59 0.56 -1.55
C11 7DP C . 3.33 6.28 2.41
O01 7DP C . 2.73 0.41 -1.14
N02 7DP C . 0.98 1.84 -1.44
C03 7DP C . 0.86 4.06 -0.32
C04 7DP C . 1.71 2.94 -0.83
C05 7DP C . 1.72 4.89 0.64
C06 7DP C . 2.60 5.83 0.13
C07 7DP C . 1.66 4.62 2.01
C08 7DP C . 3.42 6.54 1.04
C09 7DP C . 2.46 5.34 2.90
C12 7DP C . 0.78 -0.53 -2.19
O13 7DP C . 4.14 6.98 3.30
O14 7DP C . 4.28 7.49 0.61
S1 D1D D . 8.02 2.78 -8.44
C1 D1D D . 9.32 2.94 -9.64
C2 D1D D . 10.51 3.68 -9.12
O2 D1D D . 11.48 3.70 -10.11
C3 D1D D . 10.18 5.10 -8.78
O3 D1D D . 11.31 5.78 -8.36
C4 D1D D . 9.18 5.20 -7.69
S4 D1D D . 7.58 4.73 -8.29
#